data_3N17
#
_entry.id   3N17
#
_cell.length_a   48.644
_cell.length_b   76.362
_cell.length_c   76.911
_cell.angle_alpha   90.00
_cell.angle_beta   90.00
_cell.angle_gamma   90.00
#
_symmetry.space_group_name_H-M   'P 21 21 21'
#
loop_
_entity.id
_entity.type
_entity.pdbx_description
1 polymer 'Chitinase A'
2 branched 2-acetamido-2-deoxy-beta-D-glucopyranose-(1-4)-2-acetamido-2-deoxy-beta-D-glucopyranose
3 water water
#
_entity_poly.entity_id   1
_entity_poly.type   'polypeptide(L)'
_entity_poly.pdbx_seq_one_letter_code
;ANNLGSKLLVGYWHNFDNGTGIIKLKDVSPKWDVINVSFGETGGDRSTVEFSPVYGTDADFKSDISYLKSKGKKVVLSIG
GQNGVVLLPDNAAKDRFINSIQSLIDKYGFDGIDIDLQSGIYLNGNDTNFKNPTTPQIVNLISAIRTISDHYGPDFLLSM
APETAYVQGGYSAYGSIWGAYLPIIYGVKDKLTYIHVQHFNAGSGIGMDGNNYNQGTADYEVAMADMLLHGFPVGGNANN
IFPALRSDQVMIGLPAAPAAAPSGGYISPTEMKKALNYIIKGVPFGGKYKLSNQSGYPAFRGLMSWSINWDAKNNFEFSN
NYRTYFDGLSLQK
;
_entity_poly.pdbx_strand_id   A
#
loop_
_chem_comp.id
_chem_comp.type
_chem_comp.name
_chem_comp.formula
NAG D-saccharide, beta linking 2-acetamido-2-deoxy-beta-D-glucopyranose 'C8 H15 N O6'
#
# COMPACT_ATOMS: atom_id res chain seq x y z
N LEU A 4 -14.16 -10.41 -0.97
CA LEU A 4 -13.23 -9.46 -1.67
C LEU A 4 -12.75 -10.09 -2.97
N GLY A 5 -12.88 -9.35 -4.06
CA GLY A 5 -12.57 -9.86 -5.39
C GLY A 5 -11.12 -10.25 -5.61
N SER A 6 -10.88 -10.99 -6.69
CA SER A 6 -9.57 -11.55 -6.98
C SER A 6 -8.68 -10.61 -7.78
N LYS A 7 -9.28 -9.61 -8.42
CA LYS A 7 -8.55 -8.56 -9.12
C LYS A 7 -9.13 -7.21 -8.71
N LEU A 8 -8.40 -6.47 -7.91
CA LEU A 8 -8.91 -5.27 -7.26
C LEU A 8 -8.34 -3.97 -7.80
N LEU A 9 -9.16 -2.94 -7.71
CA LEU A 9 -8.70 -1.56 -7.81
C LEU A 9 -8.90 -0.91 -6.45
N VAL A 10 -7.79 -0.47 -5.87
CA VAL A 10 -7.81 0.14 -4.55
C VAL A 10 -7.43 1.60 -4.75
N GLY A 11 -8.30 2.52 -4.36
CA GLY A 11 -8.07 3.93 -4.61
C GLY A 11 -8.01 4.77 -3.35
N TYR A 12 -7.01 5.63 -3.26
CA TYR A 12 -6.93 6.58 -2.16
C TYR A 12 -7.91 7.72 -2.37
N TRP A 13 -8.54 8.15 -1.28
CA TRP A 13 -9.60 9.16 -1.30
C TRP A 13 -9.14 10.33 -0.45
N HIS A 14 -9.07 11.53 -1.03
CA HIS A 14 -8.54 12.69 -0.31
C HIS A 14 -9.54 13.23 0.71
N ASN A 15 -9.20 13.15 1.99
CA ASN A 15 -9.98 13.83 3.02
C ASN A 15 -9.49 15.27 3.17
N PHE A 16 -9.37 15.95 2.04
CA PHE A 16 -8.77 17.27 1.97
C PHE A 16 -8.85 17.73 0.53
N ASP A 17 -8.76 19.04 0.30
CA ASP A 17 -8.74 19.59 -1.04
C ASP A 17 -7.33 20.07 -1.35
N ASN A 18 -6.63 19.37 -2.24
CA ASN A 18 -5.30 19.80 -2.65
C ASN A 18 -5.31 20.45 -4.03
N GLY A 19 -6.48 20.88 -4.47
CA GLY A 19 -6.63 21.47 -5.80
C GLY A 19 -7.38 20.57 -6.75
N THR A 20 -7.48 19.28 -6.41
CA THR A 20 -8.25 18.34 -7.22
C THR A 20 -9.70 18.24 -6.77
N GLY A 21 -10.02 18.90 -5.66
CA GLY A 21 -11.40 18.93 -5.16
C GLY A 21 -11.79 17.76 -4.27
N ILE A 22 -12.98 17.86 -3.70
CA ILE A 22 -13.55 16.83 -2.86
C ILE A 22 -14.56 16.03 -3.66
N ILE A 23 -14.50 14.71 -3.55
CA ILE A 23 -15.52 13.86 -4.09
C ILE A 23 -16.25 13.21 -2.93
N LYS A 24 -17.52 13.53 -2.74
CA LYS A 24 -18.27 12.89 -1.67
C LYS A 24 -18.31 11.40 -1.92
N LEU A 25 -18.37 10.61 -0.84
CA LEU A 25 -18.20 9.17 -0.97
C LEU A 25 -19.16 8.50 -1.95
N LYS A 26 -20.42 8.89 -1.93
CA LYS A 26 -21.40 8.25 -2.80
C LYS A 26 -21.23 8.67 -4.26
N ASP A 27 -20.33 9.62 -4.51
CA ASP A 27 -20.04 10.05 -5.89
C ASP A 27 -18.77 9.40 -6.44
N VAL A 28 -18.10 8.61 -5.62
CA VAL A 28 -16.91 7.87 -6.06
C VAL A 28 -17.32 6.81 -7.08
N SER A 29 -16.55 6.69 -8.15
CA SER A 29 -16.83 5.68 -9.17
C SER A 29 -16.92 4.30 -8.56
N PRO A 30 -17.95 3.53 -8.93
CA PRO A 30 -18.11 2.16 -8.45
C PRO A 30 -16.99 1.22 -8.92
N LYS A 31 -16.14 1.68 -9.84
CA LYS A 31 -15.08 0.82 -10.34
C LYS A 31 -14.02 0.55 -9.27
N TRP A 32 -13.94 1.41 -8.28
CA TRP A 32 -13.04 1.17 -7.16
C TRP A 32 -13.64 0.15 -6.21
N ASP A 33 -12.87 -0.88 -5.88
CA ASP A 33 -13.34 -1.92 -4.97
C ASP A 33 -13.12 -1.56 -3.52
N VAL A 34 -12.05 -0.82 -3.26
CA VAL A 34 -11.66 -0.41 -1.92
C VAL A 34 -11.29 1.07 -1.97
N ILE A 35 -11.75 1.80 -0.97
CA ILE A 35 -11.53 3.23 -0.84
C ILE A 35 -10.71 3.48 0.41
N ASN A 36 -9.49 3.99 0.22
CA ASN A 36 -8.58 4.29 1.33
C ASN A 36 -8.71 5.76 1.72
N VAL A 37 -9.45 6.01 2.79
CA VAL A 37 -9.71 7.36 3.26
C VAL A 37 -8.44 7.97 3.86
N SER A 38 -8.03 9.13 3.34
CA SER A 38 -6.69 9.66 3.56
C SER A 38 -6.72 11.06 4.18
N PHE A 39 -6.25 11.25 5.42
CA PHE A 39 -5.55 10.27 6.24
C PHE A 39 -5.90 10.49 7.70
N GLY A 40 -5.74 9.44 8.51
CA GLY A 40 -5.61 9.60 9.94
C GLY A 40 -4.21 10.12 10.24
N GLU A 41 -4.14 11.22 11.00
CA GLU A 41 -2.86 11.82 11.36
C GLU A 41 -2.83 12.05 12.88
N THR A 42 -1.76 12.64 13.38
CA THR A 42 -1.63 12.85 14.82
C THR A 42 -1.32 14.30 15.17
N GLY A 43 -1.59 14.64 16.43
CA GLY A 43 -1.19 15.92 16.99
C GLY A 43 0.10 15.79 17.77
N GLY A 44 0.20 16.56 18.84
CA GLY A 44 1.43 16.65 19.63
C GLY A 44 2.04 15.34 20.10
N ASP A 45 1.21 14.42 20.58
CA ASP A 45 1.74 13.18 21.17
C ASP A 45 2.17 12.15 20.12
N ARG A 46 1.99 12.49 18.85
CA ARG A 46 2.44 11.64 17.73
C ARG A 46 2.02 10.18 17.84
N SER A 47 0.94 9.91 18.56
CA SER A 47 0.51 8.54 18.75
C SER A 47 -1.00 8.36 18.77
N THR A 48 -1.72 9.41 19.20
CA THR A 48 -3.17 9.38 19.16
C THR A 48 -3.62 9.79 17.77
N VAL A 49 -4.13 8.84 17.00
CA VAL A 49 -4.59 9.14 15.65
C VAL A 49 -5.92 9.85 15.70
N GLU A 50 -6.07 10.85 14.84
CA GLU A 50 -7.29 11.63 14.77
C GLU A 50 -7.82 11.65 13.34
N PHE A 51 -9.13 11.72 13.21
CA PHE A 51 -9.76 11.84 11.91
C PHE A 51 -11.13 12.48 12.04
N SER A 52 -11.40 13.46 11.20
CA SER A 52 -12.72 14.06 11.07
C SER A 52 -12.97 14.27 9.58
N PRO A 53 -14.19 13.94 9.12
CA PRO A 53 -14.43 14.00 7.69
C PRO A 53 -14.40 15.42 7.13
N VAL A 54 -13.90 15.55 5.90
CA VAL A 54 -13.73 16.84 5.26
C VAL A 54 -15.08 17.46 4.87
N TYR A 55 -16.10 16.60 4.73
CA TYR A 55 -17.47 17.06 4.50
C TYR A 55 -18.39 16.18 5.36
N GLY A 56 -19.58 16.72 5.63
CA GLY A 56 -20.62 15.98 6.34
C GLY A 56 -20.50 16.05 7.84
N THR A 57 -21.62 15.87 8.52
CA THR A 57 -21.60 15.58 9.94
C THR A 57 -20.95 14.21 10.10
N ASP A 58 -20.53 13.88 11.31
CA ASP A 58 -19.96 12.57 11.57
C ASP A 58 -20.95 11.48 11.16
N ALA A 59 -22.21 11.68 11.51
CA ALA A 59 -23.26 10.71 11.18
C ALA A 59 -23.45 10.59 9.67
N ASP A 60 -23.39 11.71 8.96
CA ASP A 60 -23.50 11.70 7.51
C ASP A 60 -22.39 10.85 6.91
N PHE A 61 -21.17 11.08 7.39
CA PHE A 61 -20.01 10.37 6.83
C PHE A 61 -20.14 8.88 7.09
N LYS A 62 -20.51 8.53 8.32
CA LYS A 62 -20.73 7.13 8.67
C LYS A 62 -21.80 6.51 7.77
N SER A 63 -22.87 7.25 7.53
CA SER A 63 -23.96 6.76 6.68
C SER A 63 -23.48 6.53 5.25
N ASP A 64 -22.66 7.46 4.73
CA ASP A 64 -22.10 7.30 3.40
C ASP A 64 -21.23 6.05 3.31
N ILE A 65 -20.44 5.81 4.36
CA ILE A 65 -19.62 4.60 4.41
C ILE A 65 -20.51 3.36 4.40
N SER A 66 -21.57 3.40 5.21
CA SER A 66 -22.51 2.29 5.26
C SER A 66 -23.13 2.01 3.89
N TYR A 67 -23.44 3.08 3.16
CA TYR A 67 -24.01 2.94 1.82
C TYR A 67 -23.05 2.22 0.89
N LEU A 68 -21.79 2.65 0.89
CA LEU A 68 -20.77 2.00 0.06
C LEU A 68 -20.61 0.53 0.44
N LYS A 69 -20.57 0.25 1.73
CA LYS A 69 -20.43 -1.12 2.19
C LYS A 69 -21.60 -1.97 1.73
N SER A 70 -22.79 -1.37 1.68
CA SER A 70 -23.99 -2.07 1.24
C SER A 70 -23.92 -2.43 -0.24
N LYS A 71 -23.05 -1.73 -0.96
CA LYS A 71 -22.85 -2.00 -2.39
C LYS A 71 -21.66 -2.92 -2.65
N GLY A 72 -21.08 -3.45 -1.57
CA GLY A 72 -19.99 -4.41 -1.69
C GLY A 72 -18.61 -3.79 -1.66
N LYS A 73 -18.54 -2.47 -1.49
CA LYS A 73 -17.25 -1.78 -1.43
C LYS A 73 -16.67 -1.83 -0.02
N LYS A 74 -15.35 -1.70 0.07
CA LYS A 74 -14.68 -1.62 1.35
C LYS A 74 -14.18 -0.20 1.56
N VAL A 75 -14.31 0.30 2.78
CA VAL A 75 -13.83 1.64 3.12
C VAL A 75 -12.84 1.53 4.26
N VAL A 76 -11.59 1.92 3.98
CA VAL A 76 -10.46 1.66 4.85
C VAL A 76 -9.88 2.98 5.32
N LEU A 77 -9.46 3.05 6.58
CA LEU A 77 -8.80 4.26 7.07
C LEU A 77 -7.30 4.15 6.84
N SER A 78 -6.76 5.08 6.05
CA SER A 78 -5.32 5.12 5.84
C SER A 78 -4.65 6.00 6.88
N ILE A 79 -3.59 5.47 7.48
CA ILE A 79 -2.86 6.16 8.52
C ILE A 79 -1.51 6.63 8.00
N GLY A 80 -1.26 7.93 8.10
CA GLY A 80 0.04 8.48 7.73
C GLY A 80 -0.04 9.44 6.56
N GLY A 81 0.36 8.96 5.39
CA GLY A 81 0.45 9.82 4.22
C GLY A 81 1.69 10.70 4.26
N GLN A 82 1.78 11.63 3.32
CA GLN A 82 2.95 12.48 3.24
C GLN A 82 3.24 13.21 4.55
N ASN A 83 2.19 13.66 5.22
CA ASN A 83 2.34 14.56 6.37
C ASN A 83 2.14 13.90 7.74
N GLY A 84 1.60 12.69 7.74
CA GLY A 84 1.32 12.00 8.99
C GLY A 84 2.59 11.56 9.70
N VAL A 85 2.58 11.70 11.02
CA VAL A 85 3.71 11.24 11.83
C VAL A 85 3.19 10.39 12.98
N VAL A 86 3.61 9.14 13.01
CA VAL A 86 3.28 8.25 14.11
C VAL A 86 4.56 7.70 14.72
N LEU A 87 4.75 7.95 16.01
CA LEU A 87 5.93 7.49 16.72
C LEU A 87 5.51 6.65 17.92
N LEU A 88 5.97 5.41 17.94
CA LEU A 88 5.62 4.48 19.02
C LEU A 88 6.88 4.00 19.74
N PRO A 89 7.54 4.90 20.48
CA PRO A 89 8.80 4.56 21.13
C PRO A 89 8.65 3.64 22.34
N ASP A 90 7.45 3.55 22.89
CA ASP A 90 7.24 2.72 24.07
C ASP A 90 5.80 2.20 24.14
N ASN A 91 5.53 1.35 25.11
CA ASN A 91 4.22 0.71 25.20
C ASN A 91 3.08 1.70 25.39
N ALA A 92 3.33 2.76 26.16
CA ALA A 92 2.31 3.77 26.39
C ALA A 92 1.85 4.39 25.07
N ALA A 93 2.80 4.73 24.21
CA ALA A 93 2.49 5.28 22.90
C ALA A 93 1.75 4.26 22.05
N LYS A 94 2.21 3.01 22.10
CA LYS A 94 1.58 1.95 21.33
C LYS A 94 0.10 1.83 21.70
N ASP A 95 -0.18 1.89 23.00
CA ASP A 95 -1.55 1.74 23.47
C ASP A 95 -2.45 2.91 23.04
N ARG A 96 -1.92 4.13 23.06
CA ARG A 96 -2.69 5.27 22.57
C ARG A 96 -3.05 5.10 21.10
N PHE A 97 -2.10 4.59 20.33
CA PHE A 97 -2.27 4.34 18.91
C PHE A 97 -3.38 3.30 18.69
N ILE A 98 -3.27 2.17 19.37
CA ILE A 98 -4.27 1.11 19.27
C ILE A 98 -5.67 1.62 19.62
N ASN A 99 -5.78 2.26 20.77
CA ASN A 99 -7.10 2.69 21.24
C ASN A 99 -7.71 3.75 20.34
N SER A 100 -6.89 4.69 19.87
CA SER A 100 -7.39 5.76 19.02
C SER A 100 -7.89 5.23 17.68
N ILE A 101 -7.19 4.25 17.12
CA ILE A 101 -7.60 3.65 15.86
C ILE A 101 -8.85 2.80 16.00
N GLN A 102 -8.91 1.98 17.05
CA GLN A 102 -10.12 1.21 17.30
C GLN A 102 -11.33 2.13 17.48
N SER A 103 -11.13 3.23 18.20
CA SER A 103 -12.21 4.20 18.39
C SER A 103 -12.72 4.74 17.05
N LEU A 104 -11.80 5.07 16.16
CA LEU A 104 -12.18 5.60 14.84
C LEU A 104 -12.88 4.55 13.98
N ILE A 105 -12.37 3.32 14.01
CA ILE A 105 -13.01 2.23 13.29
C ILE A 105 -14.45 2.06 13.77
N ASP A 106 -14.62 2.04 15.10
CA ASP A 106 -15.94 1.90 15.68
C ASP A 106 -16.85 3.06 15.31
N LYS A 107 -16.31 4.27 15.36
CA LYS A 107 -17.10 5.48 15.15
C LYS A 107 -17.66 5.59 13.73
N TYR A 108 -16.85 5.22 12.74
CA TYR A 108 -17.23 5.43 11.35
C TYR A 108 -17.57 4.15 10.60
N GLY A 109 -17.25 3.01 11.19
CA GLY A 109 -17.53 1.72 10.56
C GLY A 109 -16.56 1.37 9.44
N PHE A 110 -15.31 1.80 9.56
CA PHE A 110 -14.29 1.41 8.59
C PHE A 110 -14.14 -0.11 8.54
N ASP A 111 -13.88 -0.63 7.35
CA ASP A 111 -13.68 -2.05 7.09
C ASP A 111 -12.28 -2.55 7.44
N GLY A 112 -11.35 -1.61 7.65
CA GLY A 112 -9.97 -1.99 7.88
C GLY A 112 -9.08 -0.77 7.96
N ILE A 113 -7.77 -1.02 7.98
CA ILE A 113 -6.79 0.06 8.03
C ILE A 113 -5.69 -0.16 7.00
N ASP A 114 -5.13 0.95 6.55
CA ASP A 114 -4.01 0.97 5.62
C ASP A 114 -2.85 1.66 6.31
N ILE A 115 -1.70 0.99 6.33
CA ILE A 115 -0.50 1.56 6.95
C ILE A 115 0.31 2.27 5.88
N ASP A 116 0.32 3.60 5.96
CA ASP A 116 0.98 4.41 4.95
CA ASP A 116 0.91 4.45 4.96
C ASP A 116 1.91 5.41 5.63
N LEU A 117 2.76 4.87 6.49
CA LEU A 117 3.71 5.68 7.25
C LEU A 117 4.99 5.89 6.44
N GLN A 118 5.35 7.15 6.25
CA GLN A 118 6.46 7.50 5.35
CA GLN A 118 6.44 7.52 5.35
C GLN A 118 7.58 8.26 6.05
N SER A 119 7.54 8.26 7.38
CA SER A 119 8.59 8.88 8.18
C SER A 119 8.63 8.18 9.53
N GLY A 120 9.72 8.36 10.26
CA GLY A 120 9.84 7.82 11.59
C GLY A 120 10.05 6.31 11.64
N ILE A 121 10.34 5.70 10.50
CA ILE A 121 10.57 4.26 10.45
C ILE A 121 11.99 3.95 10.00
N TYR A 122 12.77 3.40 10.92
CA TYR A 122 14.18 3.11 10.69
C TYR A 122 14.55 1.82 11.39
N LEU A 123 15.39 1.02 10.75
CA LEU A 123 16.04 -0.09 11.43
C LEU A 123 17.24 0.48 12.18
N ASN A 124 17.20 0.41 13.51
CA ASN A 124 18.33 0.84 14.33
C ASN A 124 19.55 -0.04 14.08
N GLY A 125 20.71 0.46 14.52
CA GLY A 125 21.89 -0.38 14.55
C GLY A 125 21.57 -1.65 15.30
N ASN A 126 22.11 -2.76 14.81
CA ASN A 126 21.92 -4.08 15.42
C ASN A 126 20.59 -4.74 15.08
N ASP A 127 19.68 -4.01 14.46
CA ASP A 127 18.41 -4.59 14.06
C ASP A 127 18.60 -5.24 12.69
N THR A 128 18.98 -6.51 12.71
CA THR A 128 19.50 -7.17 11.50
C THR A 128 18.65 -8.32 10.99
N ASN A 129 17.65 -8.73 11.79
CA ASN A 129 16.87 -9.92 11.49
C ASN A 129 15.41 -9.58 11.25
N PHE A 130 14.93 -9.72 10.01
CA PHE A 130 13.57 -9.28 9.69
C PHE A 130 12.49 -10.11 10.38
N LYS A 131 12.84 -11.31 10.82
CA LYS A 131 11.88 -12.15 11.53
C LYS A 131 11.80 -11.79 13.01
N ASN A 132 12.80 -11.05 13.48
CA ASN A 132 12.93 -10.74 14.90
C ASN A 132 13.41 -9.31 15.11
N PRO A 133 12.57 -8.33 14.75
CA PRO A 133 13.00 -6.94 14.85
C PRO A 133 13.21 -6.48 16.29
N THR A 134 14.05 -5.46 16.45
CA THR A 134 14.42 -4.94 17.77
C THR A 134 14.11 -3.46 17.95
N THR A 135 13.95 -2.71 16.86
CA THR A 135 13.69 -1.28 16.97
C THR A 135 12.28 -1.05 17.51
N PRO A 136 12.14 -0.27 18.60
CA PRO A 136 10.82 -0.14 19.21
C PRO A 136 9.70 0.26 18.25
N GLN A 137 9.95 1.25 17.41
CA GLN A 137 8.94 1.68 16.44
C GLN A 137 8.39 0.51 15.65
N ILE A 138 9.29 -0.34 15.17
CA ILE A 138 8.91 -1.47 14.32
C ILE A 138 8.20 -2.56 15.13
N VAL A 139 8.80 -2.94 16.25
CA VAL A 139 8.21 -3.94 17.14
C VAL A 139 6.81 -3.51 17.57
N ASN A 140 6.68 -2.24 17.94
CA ASN A 140 5.41 -1.72 18.43
C ASN A 140 4.36 -1.56 17.34
N LEU A 141 4.79 -1.17 16.15
CA LEU A 141 3.85 -1.12 15.02
C LEU A 141 3.30 -2.51 14.73
N ILE A 142 4.17 -3.51 14.68
CA ILE A 142 3.73 -4.87 14.44
C ILE A 142 2.71 -5.30 15.48
N SER A 143 3.05 -5.08 16.76
CA SER A 143 2.16 -5.46 17.84
C SER A 143 0.82 -4.75 17.73
N ALA A 144 0.85 -3.44 17.46
CA ALA A 144 -0.37 -2.65 17.36
C ALA A 144 -1.25 -3.14 16.22
N ILE A 145 -0.63 -3.39 15.07
CA ILE A 145 -1.37 -3.83 13.89
C ILE A 145 -2.05 -5.17 14.15
N ARG A 146 -1.33 -6.10 14.77
CA ARG A 146 -1.92 -7.40 15.09
C ARG A 146 -3.07 -7.25 16.07
N THR A 147 -2.87 -6.41 17.07
CA THR A 147 -3.88 -6.18 18.09
C THR A 147 -5.16 -5.58 17.49
N ILE A 148 -4.99 -4.54 16.66
CA ILE A 148 -6.14 -3.92 16.03
C ILE A 148 -6.89 -4.91 15.14
N SER A 149 -6.15 -5.65 14.30
CA SER A 149 -6.77 -6.65 13.44
C SER A 149 -7.58 -7.66 14.26
N ASP A 150 -6.99 -8.11 15.37
CA ASP A 150 -7.64 -9.10 16.22
C ASP A 150 -8.82 -8.55 17.02
N HIS A 151 -9.07 -7.25 16.88
CA HIS A 151 -10.20 -6.63 17.55
C HIS A 151 -11.46 -6.71 16.70
N TYR A 152 -11.31 -7.17 15.46
CA TYR A 152 -12.43 -7.20 14.51
C TYR A 152 -12.58 -8.57 13.86
N GLY A 153 -13.68 -8.73 13.12
CA GLY A 153 -14.05 -10.02 12.56
C GLY A 153 -13.22 -10.44 11.37
N PRO A 154 -13.66 -11.51 10.69
CA PRO A 154 -12.92 -12.16 9.62
C PRO A 154 -12.72 -11.28 8.38
N ASP A 155 -13.56 -10.26 8.22
CA ASP A 155 -13.50 -9.44 7.02
C ASP A 155 -12.68 -8.16 7.20
N PHE A 156 -12.04 -8.03 8.36
CA PHE A 156 -11.19 -6.87 8.60
C PHE A 156 -10.04 -6.81 7.60
N LEU A 157 -9.90 -5.67 6.95
CA LEU A 157 -8.91 -5.50 5.88
C LEU A 157 -7.66 -4.81 6.41
N LEU A 158 -6.50 -5.37 6.10
CA LEU A 158 -5.23 -4.74 6.43
C LEU A 158 -4.39 -4.58 5.16
N SER A 159 -4.04 -3.34 4.84
CA SER A 159 -3.15 -3.08 3.71
C SER A 159 -2.02 -2.18 4.17
N MET A 160 -1.02 -2.03 3.31
CA MET A 160 0.04 -1.06 3.56
C MET A 160 0.63 -0.56 2.25
N ALA A 161 1.17 0.64 2.29
CA ALA A 161 1.69 1.31 1.10
C ALA A 161 3.07 1.91 1.34
N PRO A 162 4.06 1.07 1.70
CA PRO A 162 5.40 1.61 1.88
C PRO A 162 6.04 2.02 0.57
N GLU A 163 6.98 2.96 0.65
CA GLU A 163 7.80 3.32 -0.50
CA GLU A 163 7.78 3.31 -0.50
C GLU A 163 8.80 2.20 -0.77
N THR A 164 9.32 2.16 -1.99
CA THR A 164 10.18 1.06 -2.40
C THR A 164 11.44 0.84 -1.55
N ALA A 165 12.06 1.91 -1.06
CA ALA A 165 13.27 1.75 -0.27
C ALA A 165 13.04 0.84 0.93
N TYR A 166 11.83 0.90 1.48
CA TYR A 166 11.46 0.17 2.69
CA TYR A 166 11.52 0.16 2.69
C TYR A 166 11.25 -1.32 2.43
N VAL A 167 11.06 -1.69 1.17
CA VAL A 167 10.73 -3.05 0.82
C VAL A 167 11.75 -3.61 -0.16
N GLN A 168 11.58 -3.33 -1.45
CA GLN A 168 12.52 -3.79 -2.46
C GLN A 168 13.94 -3.26 -2.21
N GLY A 169 14.05 -2.10 -1.56
CA GLY A 169 15.35 -1.56 -1.20
C GLY A 169 16.13 -2.50 -0.28
N GLY A 170 15.42 -3.39 0.41
CA GLY A 170 16.06 -4.39 1.26
C GLY A 170 16.95 -5.33 0.48
N TYR A 171 16.79 -5.37 -0.84
CA TYR A 171 17.68 -6.16 -1.70
C TYR A 171 19.08 -5.57 -1.68
N SER A 172 19.19 -4.26 -1.49
CA SER A 172 20.48 -3.57 -1.48
C SER A 172 21.09 -3.45 -0.09
N ALA A 173 20.27 -3.09 0.90
CA ALA A 173 20.77 -2.84 2.24
C ALA A 173 19.69 -3.16 3.26
N TYR A 174 20.11 -3.47 4.47
CA TYR A 174 19.17 -3.71 5.56
C TYR A 174 19.59 -2.88 6.76
N GLY A 175 19.01 -1.70 6.89
CA GLY A 175 19.38 -0.78 7.95
C GLY A 175 18.84 0.60 7.61
N SER A 176 18.62 1.42 8.63
CA SER A 176 17.96 2.70 8.42
C SER A 176 16.64 2.43 7.69
N ILE A 177 16.28 3.23 6.69
CA ILE A 177 15.01 2.97 5.99
C ILE A 177 15.06 1.74 5.09
N TRP A 178 16.27 1.32 4.74
CA TRP A 178 16.46 0.28 3.72
C TRP A 178 16.01 -1.08 4.23
N GLY A 179 14.91 -1.57 3.64
CA GLY A 179 14.28 -2.81 4.09
C GLY A 179 13.44 -2.69 5.35
N ALA A 180 13.22 -1.48 5.84
CA ALA A 180 12.60 -1.31 7.15
C ALA A 180 11.14 -1.79 7.27
N TYR A 181 10.41 -1.87 6.17
CA TYR A 181 9.06 -2.46 6.24
C TYR A 181 9.08 -3.98 6.16
N LEU A 182 10.21 -4.58 5.80
CA LEU A 182 10.27 -6.03 5.71
C LEU A 182 9.87 -6.73 7.03
N PRO A 183 10.41 -6.28 8.17
CA PRO A 183 9.95 -6.92 9.41
C PRO A 183 8.49 -6.65 9.71
N ILE A 184 7.98 -5.50 9.29
CA ILE A 184 6.55 -5.19 9.49
C ILE A 184 5.69 -6.14 8.66
N ILE A 185 6.00 -6.26 7.37
CA ILE A 185 5.31 -7.19 6.49
C ILE A 185 5.35 -8.62 7.05
N TYR A 186 6.55 -9.09 7.36
CA TYR A 186 6.69 -10.44 7.87
C TYR A 186 5.93 -10.63 9.17
N GLY A 187 5.98 -9.63 10.03
CA GLY A 187 5.37 -9.71 11.35
C GLY A 187 3.85 -9.71 11.34
N VAL A 188 3.25 -9.25 10.25
CA VAL A 188 1.80 -9.20 10.13
C VAL A 188 1.27 -9.99 8.93
N LYS A 189 2.11 -10.82 8.34
CA LYS A 189 1.77 -11.47 7.07
C LYS A 189 0.49 -12.30 7.13
N ASP A 190 0.23 -12.91 8.29
CA ASP A 190 -0.97 -13.74 8.45
C ASP A 190 -2.24 -12.92 8.65
N LYS A 191 -2.09 -11.61 8.71
CA LYS A 191 -3.24 -10.72 8.83
C LYS A 191 -3.35 -9.75 7.65
N LEU A 192 -2.32 -9.77 6.80
CA LEU A 192 -2.21 -8.84 5.70
C LEU A 192 -3.09 -9.24 4.52
N THR A 193 -4.01 -8.37 4.14
CA THR A 193 -4.86 -8.64 2.98
C THR A 193 -4.05 -8.44 1.69
N TYR A 194 -3.37 -7.32 1.59
CA TYR A 194 -2.47 -7.06 0.47
C TYR A 194 -1.56 -5.89 0.79
N ILE A 195 -0.43 -5.86 0.08
CA ILE A 195 0.48 -4.74 0.13
C ILE A 195 0.58 -4.12 -1.26
N HIS A 196 0.47 -2.79 -1.31
CA HIS A 196 0.66 -2.04 -2.55
C HIS A 196 1.76 -1.01 -2.37
N VAL A 197 2.99 -1.45 -2.62
CA VAL A 197 4.13 -0.55 -2.62
C VAL A 197 3.89 0.57 -3.63
N GLN A 198 4.33 1.77 -3.27
CA GLN A 198 4.23 2.92 -4.15
C GLN A 198 5.33 2.86 -5.21
N HIS A 199 4.97 2.42 -6.41
CA HIS A 199 5.91 2.37 -7.52
C HIS A 199 6.02 3.75 -8.18
N PHE A 200 6.21 4.79 -7.37
CA PHE A 200 6.27 6.15 -7.91
C PHE A 200 6.95 7.09 -6.93
N ASN A 201 7.29 8.29 -7.41
CA ASN A 201 8.21 9.19 -6.72
C ASN A 201 9.40 8.38 -6.20
N ALA A 202 9.91 7.48 -7.05
CA ALA A 202 10.79 6.40 -6.60
C ALA A 202 12.12 6.25 -7.34
N GLY A 203 12.35 7.06 -8.37
CA GLY A 203 13.59 7.01 -9.13
C GLY A 203 13.85 5.63 -9.71
N SER A 204 15.02 5.07 -9.41
CA SER A 204 15.39 3.75 -9.92
C SER A 204 15.21 2.66 -8.87
N GLY A 205 15.17 1.41 -9.32
CA GLY A 205 15.07 0.26 -8.43
C GLY A 205 15.85 -0.92 -8.98
N ILE A 206 16.57 -1.62 -8.10
CA ILE A 206 17.36 -2.77 -8.53
C ILE A 206 16.53 -4.05 -8.52
N GLY A 207 16.50 -4.72 -9.67
CA GLY A 207 15.78 -5.98 -9.79
C GLY A 207 16.64 -7.17 -9.39
N MET A 208 16.02 -8.33 -9.26
CA MET A 208 16.73 -9.52 -8.84
C MET A 208 17.71 -10.03 -9.89
N ASP A 209 17.71 -9.40 -11.06
CA ASP A 209 18.72 -9.68 -12.07
C ASP A 209 19.92 -8.76 -11.88
N GLY A 210 19.89 -7.95 -10.83
CA GLY A 210 20.98 -7.04 -10.51
C GLY A 210 20.97 -5.77 -11.34
N ASN A 211 19.97 -5.64 -12.21
CA ASN A 211 19.90 -4.49 -13.09
C ASN A 211 19.11 -3.33 -12.49
N ASN A 212 19.51 -2.11 -12.84
CA ASN A 212 18.79 -0.91 -12.43
C ASN A 212 17.64 -0.66 -13.39
N TYR A 213 16.47 -0.40 -12.85
CA TYR A 213 15.30 -0.07 -13.68
C TYR A 213 14.75 1.29 -13.30
N ASN A 214 14.20 1.99 -14.28
CA ASN A 214 13.61 3.31 -14.09
C ASN A 214 12.13 3.22 -13.79
N GLN A 215 11.67 3.96 -12.77
CA GLN A 215 10.26 3.98 -12.47
C GLN A 215 9.46 4.39 -13.71
N GLY A 216 8.21 3.98 -13.77
CA GLY A 216 7.33 4.39 -14.86
C GLY A 216 7.53 3.59 -16.14
N THR A 217 8.26 2.48 -16.06
CA THR A 217 8.46 1.60 -17.20
C THR A 217 7.93 0.21 -16.90
N ALA A 218 7.50 -0.52 -17.93
CA ALA A 218 6.92 -1.84 -17.73
C ALA A 218 7.91 -2.76 -17.02
N ASP A 219 9.17 -2.75 -17.47
CA ASP A 219 10.20 -3.58 -16.85
C ASP A 219 10.30 -3.32 -15.34
N TYR A 220 10.29 -2.04 -14.96
CA TYR A 220 10.37 -1.67 -13.56
C TYR A 220 9.21 -2.24 -12.76
N GLU A 221 8.00 -2.15 -13.30
CA GLU A 221 6.84 -2.63 -12.56
C GLU A 221 6.96 -4.13 -12.30
N VAL A 222 7.36 -4.87 -13.33
CA VAL A 222 7.53 -6.32 -13.20
C VAL A 222 8.65 -6.65 -12.23
N ALA A 223 9.79 -5.99 -12.38
CA ALA A 223 10.94 -6.25 -11.52
C ALA A 223 10.62 -6.00 -10.04
N MET A 224 9.92 -4.91 -9.76
CA MET A 224 9.63 -4.57 -8.36
C MET A 224 8.58 -5.52 -7.78
N ALA A 225 7.55 -5.84 -8.55
CA ALA A 225 6.53 -6.77 -8.05
C ALA A 225 7.09 -8.16 -7.84
N ASP A 226 7.98 -8.59 -8.72
CA ASP A 226 8.52 -9.94 -8.68
C ASP A 226 9.25 -10.21 -7.37
N MET A 227 9.83 -9.17 -6.77
CA MET A 227 10.52 -9.31 -5.50
C MET A 227 9.59 -9.89 -4.44
N LEU A 228 8.37 -9.38 -4.39
CA LEU A 228 7.39 -9.87 -3.40
C LEU A 228 6.72 -11.16 -3.84
N LEU A 229 6.57 -11.35 -5.15
CA LEU A 229 5.93 -12.54 -5.68
C LEU A 229 6.83 -13.77 -5.52
N HIS A 230 8.14 -13.55 -5.56
CA HIS A 230 9.11 -14.64 -5.56
C HIS A 230 9.90 -14.76 -4.26
N GLY A 231 10.02 -13.65 -3.54
CA GLY A 231 10.95 -13.57 -2.42
C GLY A 231 12.32 -13.18 -2.95
N PHE A 232 13.22 -12.78 -2.06
CA PHE A 232 14.53 -12.30 -2.48
C PHE A 232 15.55 -12.31 -1.34
N PRO A 233 16.84 -12.43 -1.68
CA PRO A 233 17.87 -12.34 -0.67
C PRO A 233 18.01 -10.91 -0.17
N VAL A 234 18.16 -10.75 1.14
CA VAL A 234 18.20 -9.45 1.77
C VAL A 234 19.63 -8.94 1.99
N GLY A 235 19.88 -7.70 1.59
CA GLY A 235 21.12 -7.02 1.92
C GLY A 235 22.39 -7.68 1.39
N GLY A 236 22.26 -8.37 0.27
CA GLY A 236 23.40 -9.03 -0.36
C GLY A 236 23.80 -10.32 0.32
N ASN A 237 22.93 -10.81 1.20
CA ASN A 237 23.19 -12.03 1.95
C ASN A 237 22.36 -13.19 1.40
N ALA A 238 23.03 -14.11 0.71
CA ALA A 238 22.35 -15.22 0.05
C ALA A 238 21.64 -16.15 1.03
N ASN A 239 22.05 -16.11 2.29
CA ASN A 239 21.46 -16.97 3.31
C ASN A 239 20.37 -16.28 4.13
N ASN A 240 19.94 -15.11 3.67
CA ASN A 240 18.89 -14.36 4.35
C ASN A 240 17.78 -14.01 3.38
N ILE A 241 16.92 -14.99 3.12
CA ILE A 241 15.90 -14.86 2.08
C ILE A 241 14.58 -14.38 2.66
N PHE A 242 14.07 -13.28 2.13
CA PHE A 242 12.74 -12.81 2.48
C PHE A 242 11.74 -13.64 1.68
N PRO A 243 10.85 -14.37 2.37
CA PRO A 243 9.98 -15.30 1.66
C PRO A 243 8.95 -14.61 0.79
N ALA A 244 8.55 -15.27 -0.29
CA ALA A 244 7.46 -14.79 -1.13
C ALA A 244 6.20 -14.63 -0.31
N LEU A 245 5.44 -13.58 -0.61
CA LEU A 245 4.08 -13.46 -0.11
C LEU A 245 3.17 -14.32 -0.98
N ARG A 246 1.94 -14.54 -0.53
CA ARG A 246 0.95 -15.11 -1.43
C ARG A 246 0.79 -14.14 -2.59
N SER A 247 0.58 -14.67 -3.79
CA SER A 247 0.37 -13.77 -4.92
C SER A 247 -0.84 -12.89 -4.68
N ASP A 248 -1.86 -13.43 -4.00
CA ASP A 248 -3.06 -12.65 -3.73
C ASP A 248 -2.86 -11.56 -2.67
N GLN A 249 -1.65 -11.47 -2.14
CA GLN A 249 -1.28 -10.37 -1.24
C GLN A 249 -0.49 -9.28 -1.95
N VAL A 250 -0.18 -9.47 -3.23
CA VAL A 250 0.68 -8.54 -3.93
C VAL A 250 -0.10 -7.66 -4.90
N MET A 251 0.03 -6.35 -4.72
CA MET A 251 -0.53 -5.35 -5.63
C MET A 251 0.59 -4.41 -6.04
N ILE A 252 0.31 -3.54 -7.01
CA ILE A 252 1.23 -2.48 -7.41
C ILE A 252 0.52 -1.14 -7.25
N GLY A 253 1.16 -0.19 -6.60
CA GLY A 253 0.61 1.16 -6.45
C GLY A 253 1.14 2.10 -7.53
N LEU A 254 0.22 2.80 -8.20
CA LEU A 254 0.56 3.67 -9.32
C LEU A 254 -0.11 5.02 -9.21
N PRO A 255 0.50 6.06 -9.83
CA PRO A 255 -0.18 7.34 -9.94
C PRO A 255 -1.33 7.28 -10.94
N ALA A 256 -2.45 7.93 -10.63
CA ALA A 256 -3.60 7.90 -11.54
C ALA A 256 -3.36 8.75 -12.77
N ALA A 257 -2.49 9.75 -12.64
CA ALA A 257 -2.21 10.73 -13.69
C ALA A 257 -0.78 11.19 -13.52
N PRO A 258 -0.19 11.75 -14.57
CA PRO A 258 1.18 12.24 -14.44
C PRO A 258 1.38 13.16 -13.22
N ALA A 259 0.46 14.09 -13.01
CA ALA A 259 0.60 15.07 -11.93
C ALA A 259 0.35 14.49 -10.53
N ALA A 260 -0.18 13.27 -10.47
CA ALA A 260 -0.45 12.64 -9.18
C ALA A 260 0.84 12.24 -8.46
N ALA A 261 1.93 12.12 -9.21
CA ALA A 261 3.25 11.82 -8.67
C ALA A 261 4.26 12.79 -9.28
N PRO A 262 4.44 13.96 -8.66
CA PRO A 262 5.22 15.04 -9.26
C PRO A 262 6.69 14.73 -9.52
N SER A 263 7.23 13.68 -8.90
CA SER A 263 8.62 13.31 -9.13
C SER A 263 8.73 12.11 -10.09
N GLY A 264 7.65 11.81 -10.79
CA GLY A 264 7.65 10.72 -11.76
C GLY A 264 7.04 9.43 -11.26
N GLY A 265 6.87 8.47 -12.16
CA GLY A 265 6.29 7.19 -11.80
C GLY A 265 5.05 6.82 -12.57
N TYR A 266 4.34 7.81 -13.09
CA TYR A 266 3.17 7.51 -13.93
C TYR A 266 3.59 6.62 -15.10
N ILE A 267 2.75 5.64 -15.40
CA ILE A 267 2.98 4.77 -16.55
C ILE A 267 1.68 4.72 -17.38
N SER A 268 1.79 4.76 -18.70
CA SER A 268 0.59 4.70 -19.51
C SER A 268 -0.08 3.34 -19.36
N PRO A 269 -1.42 3.33 -19.40
CA PRO A 269 -2.11 2.05 -19.37
C PRO A 269 -1.64 1.07 -20.45
N THR A 270 -1.33 1.57 -21.65
CA THR A 270 -0.83 0.68 -22.69
C THR A 270 0.43 -0.07 -22.23
N GLU A 271 1.37 0.66 -21.65
CA GLU A 271 2.59 0.05 -21.15
C GLU A 271 2.34 -0.81 -19.91
N MET A 272 1.48 -0.34 -19.02
CA MET A 272 1.20 -1.10 -17.80
C MET A 272 0.51 -2.43 -18.10
N LYS A 273 -0.33 -2.46 -19.12
CA LYS A 273 -1.00 -3.70 -19.49
C LYS A 273 0.00 -4.74 -19.97
N LYS A 274 1.09 -4.29 -20.58
CA LYS A 274 2.18 -5.20 -20.92
C LYS A 274 2.73 -5.84 -19.66
N ALA A 275 3.00 -5.02 -18.66
CA ALA A 275 3.50 -5.51 -17.39
C ALA A 275 2.50 -6.46 -16.71
N LEU A 276 1.22 -6.11 -16.76
CA LEU A 276 0.19 -6.93 -16.14
C LEU A 276 0.05 -8.28 -16.81
N ASN A 277 0.03 -8.29 -18.15
CA ASN A 277 -0.05 -9.56 -18.87
C ASN A 277 1.16 -10.45 -18.56
N TYR A 278 2.32 -9.83 -18.37
CA TYR A 278 3.51 -10.60 -18.03
C TYR A 278 3.42 -11.16 -16.61
N ILE A 279 3.10 -10.29 -15.65
CA ILE A 279 3.01 -10.73 -14.26
C ILE A 279 1.96 -11.81 -14.06
N ILE A 280 0.77 -11.59 -14.61
CA ILE A 280 -0.38 -12.45 -14.35
C ILE A 280 -0.37 -13.72 -15.18
N LYS A 281 0.10 -13.64 -16.41
CA LYS A 281 0.00 -14.75 -17.37
C LYS A 281 1.34 -15.27 -17.87
N GLY A 282 2.42 -14.57 -17.58
CA GLY A 282 3.72 -14.96 -18.11
C GLY A 282 3.86 -14.67 -19.60
N VAL A 283 3.01 -13.79 -20.11
CA VAL A 283 3.11 -13.36 -21.50
C VAL A 283 4.04 -12.15 -21.57
N PRO A 284 5.22 -12.31 -22.20
CA PRO A 284 6.23 -11.26 -22.18
C PRO A 284 5.97 -10.18 -23.23
N PHE A 285 6.75 -9.11 -23.19
CA PHE A 285 6.55 -7.98 -24.09
C PHE A 285 7.84 -7.47 -24.70
N GLY A 286 8.90 -8.28 -24.65
CA GLY A 286 10.18 -7.88 -25.20
C GLY A 286 11.01 -7.03 -24.24
N GLY A 287 10.64 -7.07 -22.96
CA GLY A 287 11.36 -6.31 -21.95
C GLY A 287 12.66 -6.96 -21.56
N LYS A 288 13.49 -6.21 -20.85
CA LYS A 288 14.78 -6.72 -20.42
C LYS A 288 14.66 -7.58 -19.19
N TYR A 289 13.64 -7.34 -18.37
CA TYR A 289 13.48 -8.09 -17.14
C TYR A 289 12.83 -9.46 -17.37
N LYS A 290 13.47 -10.50 -16.86
CA LYS A 290 12.95 -11.87 -16.96
C LYS A 290 12.22 -12.26 -15.69
N LEU A 291 10.93 -12.53 -15.80
CA LEU A 291 10.10 -12.90 -14.66
C LEU A 291 10.57 -14.22 -14.04
N SER A 292 10.55 -14.28 -12.71
CA SER A 292 11.05 -15.44 -11.98
C SER A 292 10.26 -16.71 -12.28
N ASN A 293 8.96 -16.55 -12.47
CA ASN A 293 8.09 -17.63 -12.86
C ASN A 293 7.54 -17.27 -14.22
N GLN A 294 8.10 -17.88 -15.26
CA GLN A 294 7.83 -17.42 -16.62
C GLN A 294 6.42 -17.76 -17.12
N SER A 295 5.66 -18.54 -16.37
CA SER A 295 4.25 -18.79 -16.72
C SER A 295 3.29 -17.99 -15.84
N GLY A 296 3.83 -17.02 -15.10
CA GLY A 296 2.98 -16.04 -14.41
C GLY A 296 2.62 -16.35 -12.98
N TYR A 297 2.00 -15.34 -12.35
CA TYR A 297 1.48 -15.41 -10.99
C TYR A 297 -0.01 -15.07 -11.07
N PRO A 298 -0.84 -16.06 -11.43
CA PRO A 298 -2.24 -15.77 -11.75
C PRO A 298 -3.00 -15.01 -10.67
N ALA A 299 -2.68 -15.24 -9.41
CA ALA A 299 -3.44 -14.64 -8.31
C ALA A 299 -2.96 -13.26 -7.88
N PHE A 300 -1.99 -12.70 -8.60
CA PHE A 300 -1.62 -11.29 -8.41
C PHE A 300 -2.89 -10.47 -8.20
N ARG A 301 -2.89 -9.62 -7.19
CA ARG A 301 -4.15 -9.11 -6.65
C ARG A 301 -4.74 -7.87 -7.33
N GLY A 302 -3.90 -7.07 -8.01
CA GLY A 302 -4.41 -5.91 -8.72
C GLY A 302 -3.61 -4.64 -8.53
N LEU A 303 -4.29 -3.51 -8.68
CA LEU A 303 -3.63 -2.21 -8.65
C LEU A 303 -4.23 -1.27 -7.63
N MET A 304 -3.35 -0.51 -7.00
CA MET A 304 -3.72 0.60 -6.14
C MET A 304 -3.36 1.90 -6.88
N SER A 305 -4.09 2.97 -6.58
CA SER A 305 -3.73 4.26 -7.14
C SER A 305 -3.83 5.43 -6.16
N TRP A 306 -2.82 6.28 -6.21
CA TRP A 306 -2.96 7.64 -5.76
C TRP A 306 -3.39 8.42 -7.01
N SER A 307 -4.66 8.78 -7.15
CA SER A 307 -5.72 8.63 -6.16
C SER A 307 -7.04 8.69 -6.92
N ILE A 308 -8.14 8.41 -6.21
CA ILE A 308 -9.48 8.55 -6.77
C ILE A 308 -9.70 9.97 -7.29
N ASN A 309 -9.24 10.94 -6.51
CA ASN A 309 -9.43 12.34 -6.87
C ASN A 309 -8.65 12.73 -8.13
N TRP A 310 -7.40 12.28 -8.21
CA TRP A 310 -6.61 12.53 -9.41
C TRP A 310 -7.20 11.84 -10.63
N ASP A 311 -7.70 10.62 -10.44
CA ASP A 311 -8.30 9.85 -11.52
C ASP A 311 -9.48 10.61 -12.13
N ALA A 312 -10.33 11.17 -11.27
CA ALA A 312 -11.50 11.93 -11.75
C ALA A 312 -11.11 13.18 -12.53
N LYS A 313 -9.92 13.72 -12.25
CA LYS A 313 -9.42 14.89 -12.97
C LYS A 313 -8.66 14.52 -14.25
N ASN A 314 -8.49 13.22 -14.46
CA ASN A 314 -7.74 12.74 -15.63
C ASN A 314 -8.58 11.81 -16.51
N ASN A 315 -9.81 12.22 -16.81
CA ASN A 315 -10.70 11.44 -17.69
C ASN A 315 -10.95 10.03 -17.17
N PHE A 316 -10.85 9.82 -15.85
CA PHE A 316 -11.00 8.48 -15.28
C PHE A 316 -10.13 7.45 -15.99
N GLU A 317 -8.96 7.87 -16.44
CA GLU A 317 -8.11 7.00 -17.23
C GLU A 317 -7.74 5.72 -16.50
N PHE A 318 -7.30 5.87 -15.25
CA PHE A 318 -6.87 4.73 -14.47
C PHE A 318 -8.02 3.76 -14.21
N SER A 319 -9.12 4.27 -13.66
CA SER A 319 -10.21 3.40 -13.28
C SER A 319 -10.85 2.73 -14.48
N ASN A 320 -11.10 3.48 -15.56
CA ASN A 320 -11.71 2.88 -16.75
C ASN A 320 -10.77 1.88 -17.42
N ASN A 321 -9.52 2.24 -17.61
CA ASN A 321 -8.60 1.33 -18.28
C ASN A 321 -8.40 0.03 -17.52
N TYR A 322 -8.15 0.14 -16.22
CA TYR A 322 -7.78 -1.05 -15.48
C TYR A 322 -8.98 -1.88 -15.04
N ARG A 323 -10.12 -1.27 -14.80
CA ARG A 323 -11.33 -2.06 -14.51
C ARG A 323 -11.67 -2.91 -15.74
N THR A 324 -11.59 -2.29 -16.91
CA THR A 324 -11.88 -2.99 -18.15
C THR A 324 -10.86 -4.11 -18.38
N TYR A 325 -9.59 -3.82 -18.12
CA TYR A 325 -8.56 -4.83 -18.24
C TYR A 325 -8.82 -6.03 -17.33
N PHE A 326 -9.02 -5.77 -16.04
CA PHE A 326 -9.23 -6.86 -15.09
C PHE A 326 -10.53 -7.61 -15.37
N ASP A 327 -11.61 -6.89 -15.64
CA ASP A 327 -12.90 -7.53 -15.93
C ASP A 327 -12.80 -8.42 -17.16
N GLY A 328 -11.91 -8.06 -18.08
CA GLY A 328 -11.87 -8.72 -19.38
C GLY A 328 -10.94 -9.91 -19.47
N LEU A 329 -10.20 -10.18 -18.40
CA LEU A 329 -9.22 -11.26 -18.44
C LEU A 329 -9.81 -12.56 -18.97
C1 NAG B . 2.86 9.92 -1.23
C2 NAG B . 1.54 9.62 -0.51
C3 NAG B . 0.58 10.79 -0.61
C4 NAG B . 1.14 11.81 -1.60
C5 NAG B . 1.60 11.08 -2.87
C6 NAG B . 2.02 12.08 -3.96
C7 NAG B . 0.08 7.59 -0.66
C8 NAG B . -0.15 6.31 -1.41
N2 NAG B . 1.03 8.41 -1.12
O1 NAG B . 3.56 11.00 -0.61
O3 NAG B . 0.38 11.38 0.66
O4 NAG B . 0.15 12.72 -2.00
O5 NAG B . 2.66 10.19 -2.60
O6 NAG B . 2.45 11.39 -5.11
O7 NAG B . -0.61 7.85 0.32
C1 NAG B . 0.18 13.96 -1.27
C2 NAG B . -0.49 15.02 -2.14
C3 NAG B . -0.60 16.33 -1.38
C4 NAG B . -1.27 16.09 -0.03
C5 NAG B . -0.54 14.98 0.72
C6 NAG B . -1.21 14.67 2.05
C7 NAG B . -0.38 15.05 -4.58
C8 NAG B . 0.47 15.38 -5.78
N2 NAG B . 0.22 15.20 -3.39
O3 NAG B . -1.37 17.24 -2.14
O4 NAG B . -1.26 17.28 0.74
O5 NAG B . -0.54 13.82 -0.07
O6 NAG B . -0.48 13.64 2.69
O7 NAG B . -1.53 14.66 -4.71
#